data_8YVV
#
_entry.id   8YVV
#
_cell.length_a   46.686
_cell.length_b   102.995
_cell.length_c   117.543
_cell.angle_alpha   90.000
_cell.angle_beta   90.000
_cell.angle_gamma   90.000
#
_symmetry.space_group_name_H-M   'P 21 21 21'
#
loop_
_entity.id
_entity.type
_entity.pdbx_description
1 polymer 'Tyrosine-protein kinase BTK'
2 non-polymer DI(HYDROXYETHYL)ETHER
3 non-polymer 1,2-ETHANEDIOL
4 non-polymer 'CHLORIDE ION'
5 water water
#
_entity_poly.entity_id   1
_entity_poly.type   'polypeptide(L)'
_entity_poly.pdbx_seq_one_letter_code
;SWEIDPKDLTFLKELGTGQFGVVKYGKWRGQYDVAIKMIKEGSMSEDEFIEEAKVMMNLSHEKLVQLYGVCTKQRPIFII
TEYMANGCLLNYLREMRHRFQTQQLLEMCKDVCEAMEYLESKQFLHRDLAARNCLVNDQGVVKVSDFGLSRYVLDDEYTS
SVGSKFPVRWSPPEVLMYSKFSSKSDIWAFGVLMWEIYSLGKMPYERFTNSETAEHIAQGLRLYRPHLASEKVYTIMYSC
WHEKADERPTFKILLSNILDVMDEES
;
_entity_poly.pdbx_strand_id   A,B
#
loop_
_chem_comp.id
_chem_comp.type
_chem_comp.name
_chem_comp.formula
CL non-polymer 'CHLORIDE ION' 'Cl -1'
EDO non-polymer 1,2-ETHANEDIOL 'C2 H6 O2'
PEG non-polymer DI(HYDROXYETHYL)ETHER 'C4 H10 O3'
#
# COMPACT_ATOMS: atom_id res chain seq x y z
N SER A 1 -24.39 -12.28 -7.48
CA SER A 1 -23.97 -11.42 -8.61
C SER A 1 -22.66 -10.69 -8.27
N TRP A 2 -22.59 -10.13 -7.06
CA TRP A 2 -21.39 -9.44 -6.61
C TRP A 2 -20.32 -10.44 -6.15
N GLU A 3 -20.75 -11.56 -5.57
CA GLU A 3 -19.84 -12.55 -4.99
C GLU A 3 -19.26 -13.44 -6.08
N ILE A 4 -17.99 -13.83 -5.89
CA ILE A 4 -17.25 -14.64 -6.86
C ILE A 4 -16.78 -15.93 -6.18
N ASP A 5 -16.92 -17.04 -6.90
CA ASP A 5 -16.33 -18.31 -6.51
C ASP A 5 -14.94 -18.39 -7.12
N PRO A 6 -13.87 -18.54 -6.30
CA PRO A 6 -12.50 -18.63 -6.83
C PRO A 6 -12.18 -19.84 -7.71
N LYS A 7 -13.12 -20.78 -7.82
CA LYS A 7 -12.97 -21.94 -8.69
C LYS A 7 -13.37 -21.59 -10.13
N ASP A 8 -14.03 -20.43 -10.31
CA ASP A 8 -14.32 -19.90 -11.63
C ASP A 8 -13.11 -19.15 -12.20
N LEU A 9 -12.00 -19.12 -11.44
CA LEU A 9 -10.76 -18.50 -11.89
C LEU A 9 -9.81 -19.57 -12.42
N THR A 10 -9.32 -19.37 -13.65
CA THR A 10 -8.40 -20.30 -14.30
C THR A 10 -7.22 -19.53 -14.87
N PHE A 11 -6.19 -20.28 -15.32
CA PHE A 11 -5.02 -19.73 -15.97
C PHE A 11 -4.39 -18.65 -15.08
N LEU A 12 -4.22 -18.96 -13.79
CA LEU A 12 -3.61 -18.04 -12.85
C LEU A 12 -2.14 -17.87 -13.22
N LYS A 13 -1.69 -16.61 -13.31
CA LYS A 13 -0.31 -16.31 -13.64
C LYS A 13 0.17 -15.13 -12.82
N GLU A 14 1.51 -15.04 -12.69
CA GLU A 14 2.17 -13.91 -12.08
C GLU A 14 2.91 -13.17 -13.19
N LEU A 15 2.39 -12.01 -13.60
CA LEU A 15 2.91 -11.28 -14.73
C LEU A 15 3.73 -10.09 -14.24
N GLY A 16 4.73 -9.70 -15.04
CA GLY A 16 5.47 -8.47 -14.80
C GLY A 16 4.74 -7.28 -15.41
N THR A 17 4.79 -6.14 -14.70
CA THR A 17 4.36 -4.87 -15.26
C THR A 17 5.44 -3.84 -14.93
N GLY A 18 5.86 -3.08 -15.95
CA GLY A 18 7.02 -2.20 -15.82
C GLY A 18 8.27 -3.01 -15.49
N GLN A 19 9.25 -2.34 -14.88
CA GLN A 19 10.55 -2.94 -14.64
C GLN A 19 10.47 -3.97 -13.51
N PHE A 20 9.78 -3.62 -12.41
CA PHE A 20 9.78 -4.44 -11.21
C PHE A 20 8.38 -4.66 -10.64
N GLY A 21 7.33 -4.17 -11.31
CA GLY A 21 5.96 -4.37 -10.85
C GLY A 21 5.48 -5.80 -11.13
N VAL A 22 4.46 -6.24 -10.40
CA VAL A 22 3.89 -7.56 -10.61
C VAL A 22 2.36 -7.49 -10.52
N VAL A 23 1.71 -8.39 -11.26
CA VAL A 23 0.26 -8.47 -11.35
C VAL A 23 -0.14 -9.94 -11.23
N LYS A 24 -1.19 -10.22 -10.47
CA LYS A 24 -1.76 -11.56 -10.43
C LYS A 24 -2.87 -11.63 -11.48
N TYR A 25 -2.62 -12.40 -12.55
CA TYR A 25 -3.56 -12.50 -13.66
C TYR A 25 -4.37 -13.79 -13.53
N GLY A 26 -5.60 -13.75 -14.06
CA GLY A 26 -6.44 -14.93 -14.18
C GLY A 26 -7.49 -14.75 -15.27
N LYS A 27 -8.22 -15.84 -15.55
CA LYS A 27 -9.41 -15.82 -16.40
C LYS A 27 -10.63 -16.08 -15.53
N TRP A 28 -11.67 -15.25 -15.69
CA TRP A 28 -12.92 -15.41 -14.97
C TRP A 28 -13.98 -15.96 -15.93
N ARG A 29 -14.42 -17.20 -15.66
CA ARG A 29 -15.43 -17.89 -16.45
C ARG A 29 -15.00 -18.07 -17.90
N GLY A 30 -13.69 -18.08 -18.16
CA GLY A 30 -13.14 -18.24 -19.50
C GLY A 30 -13.59 -17.20 -20.52
N GLN A 31 -14.02 -16.01 -20.07
CA GLN A 31 -14.42 -14.95 -21.00
C GLN A 31 -14.01 -13.57 -20.49
N TYR A 32 -13.24 -13.47 -19.40
CA TYR A 32 -12.74 -12.19 -18.91
C TYR A 32 -11.31 -12.35 -18.42
N ASP A 33 -10.42 -11.47 -18.91
CA ASP A 33 -9.10 -11.29 -18.32
C ASP A 33 -9.25 -10.44 -17.07
N VAL A 34 -8.70 -10.91 -15.94
CA VAL A 34 -8.84 -10.19 -14.68
C VAL A 34 -7.47 -10.05 -14.01
N ALA A 35 -7.34 -8.96 -13.25
CA ALA A 35 -6.31 -8.83 -12.23
C ALA A 35 -6.94 -9.10 -10.88
N ILE A 36 -6.21 -9.82 -10.01
CA ILE A 36 -6.70 -10.18 -8.69
C ILE A 36 -5.95 -9.33 -7.67
N LYS A 37 -6.71 -8.59 -6.86
CA LYS A 37 -6.14 -7.67 -5.87
C LYS A 37 -6.73 -8.01 -4.50
N MET A 38 -5.89 -7.95 -3.47
CA MET A 38 -6.31 -8.29 -2.13
C MET A 38 -6.69 -7.02 -1.37
N ILE A 39 -7.65 -7.16 -0.45
CA ILE A 39 -8.12 -6.08 0.39
C ILE A 39 -7.41 -6.16 1.73
N LYS A 40 -6.95 -5.00 2.23
CA LYS A 40 -6.27 -4.91 3.51
C LYS A 40 -7.23 -5.39 4.61
N GLU A 41 -6.74 -6.27 5.48
CA GLU A 41 -7.60 -7.04 6.37
C GLU A 41 -8.03 -6.16 7.54
N GLY A 42 -9.34 -6.16 7.82
CA GLY A 42 -9.89 -5.46 8.97
C GLY A 42 -9.88 -3.94 8.82
N SER A 43 -9.80 -3.47 7.57
CA SER A 43 -9.83 -2.04 7.26
C SER A 43 -11.27 -1.51 7.25
N MET A 44 -12.25 -2.42 7.12
CA MET A 44 -13.65 -2.07 7.15
C MET A 44 -14.45 -3.31 7.53
N SER A 45 -15.71 -3.10 7.95
CA SER A 45 -16.63 -4.19 8.22
C SER A 45 -16.97 -4.93 6.92
N GLU A 46 -17.48 -6.15 7.05
CA GLU A 46 -17.93 -6.91 5.88
C GLU A 46 -19.18 -6.26 5.30
N ASP A 47 -19.95 -5.56 6.15
CA ASP A 47 -21.09 -4.76 5.73
C ASP A 47 -20.61 -3.63 4.81
N GLU A 48 -19.76 -2.75 5.36
CA GLU A 48 -19.26 -1.58 4.67
C GLU A 48 -18.61 -1.96 3.35
N PHE A 49 -17.89 -3.09 3.34
CA PHE A 49 -17.17 -3.53 2.15
C PHE A 49 -18.16 -3.83 1.02
N ILE A 50 -19.22 -4.58 1.34
CA ILE A 50 -20.13 -5.10 0.33
C ILE A 50 -20.95 -3.95 -0.27
N GLU A 51 -21.43 -3.02 0.58
CA GLU A 51 -22.23 -1.90 0.09
C GLU A 51 -21.40 -1.06 -0.87
N GLU A 52 -20.12 -0.86 -0.55
CA GLU A 52 -19.22 -0.07 -1.38
C GLU A 52 -18.92 -0.80 -2.69
N ALA A 53 -18.79 -2.13 -2.62
CA ALA A 53 -18.54 -2.95 -3.81
C ALA A 53 -19.73 -2.88 -4.76
N LYS A 54 -20.96 -2.77 -4.20
CA LYS A 54 -22.17 -2.71 -5.00
C LYS A 54 -22.26 -1.37 -5.72
N VAL A 55 -21.93 -0.28 -5.01
CA VAL A 55 -21.88 1.05 -5.62
C VAL A 55 -20.91 1.02 -6.79
N MET A 56 -19.74 0.41 -6.58
CA MET A 56 -18.65 0.42 -7.55
C MET A 56 -19.01 -0.40 -8.79
N MET A 57 -19.78 -1.48 -8.60
CA MET A 57 -20.12 -2.39 -9.70
C MET A 57 -21.22 -1.78 -10.57
N ASN A 58 -21.97 -0.82 -10.02
CA ASN A 58 -22.98 -0.10 -10.78
C ASN A 58 -22.35 1.04 -11.58
N LEU A 59 -21.14 1.45 -11.21
CA LEU A 59 -20.37 2.39 -11.99
C LEU A 59 -19.84 1.69 -13.24
N SER A 60 -20.58 1.83 -14.34
CA SER A 60 -20.26 1.16 -15.59
C SER A 60 -20.04 2.21 -16.68
N HIS A 61 -18.77 2.34 -17.10
CA HIS A 61 -18.39 3.20 -18.21
C HIS A 61 -17.16 2.58 -18.85
N GLU A 62 -17.00 2.77 -20.16
CA GLU A 62 -15.96 2.06 -20.90
C GLU A 62 -14.57 2.55 -20.50
N LYS A 63 -14.46 3.78 -19.95
CA LYS A 63 -13.17 4.34 -19.56
C LYS A 63 -12.96 4.28 -18.04
N LEU A 64 -13.80 3.50 -17.34
CA LEU A 64 -13.54 3.10 -15.97
C LEU A 64 -13.09 1.65 -15.96
N VAL A 65 -12.06 1.34 -15.17
CA VAL A 65 -11.61 -0.03 -14.98
C VAL A 65 -12.70 -0.75 -14.16
N GLN A 66 -13.28 -1.79 -14.76
CA GLN A 66 -14.45 -2.44 -14.20
C GLN A 66 -14.06 -3.37 -13.06
N LEU A 67 -14.81 -3.29 -11.97
CA LEU A 67 -14.82 -4.28 -10.90
C LEU A 67 -15.84 -5.35 -11.25
N TYR A 68 -15.39 -6.59 -11.40
CA TYR A 68 -16.24 -7.69 -11.82
C TYR A 68 -16.89 -8.39 -10.62
N GLY A 69 -16.22 -8.34 -9.46
CA GLY A 69 -16.78 -8.91 -8.25
C GLY A 69 -15.76 -9.02 -7.12
N VAL A 70 -16.20 -9.68 -6.04
CA VAL A 70 -15.45 -9.78 -4.80
C VAL A 70 -15.58 -11.20 -4.27
N CYS A 71 -14.64 -11.61 -3.42
CA CYS A 71 -14.78 -12.85 -2.67
C CYS A 71 -14.51 -12.60 -1.19
N THR A 72 -15.52 -12.85 -0.36
CA THR A 72 -15.49 -12.51 1.05
C THR A 72 -15.49 -13.77 1.92
N LYS A 73 -15.38 -14.95 1.30
CA LYS A 73 -15.58 -16.22 2.00
C LYS A 73 -14.24 -16.78 2.47
N GLN A 74 -13.16 -16.04 2.26
CA GLN A 74 -11.85 -16.43 2.73
C GLN A 74 -11.11 -15.18 3.21
N ARG A 75 -10.00 -15.38 3.93
CA ARG A 75 -9.17 -14.30 4.39
C ARG A 75 -7.84 -14.35 3.65
N PRO A 76 -7.36 -13.23 3.06
CA PRO A 76 -8.11 -11.97 3.02
C PRO A 76 -9.18 -11.97 1.92
N ILE A 77 -10.02 -10.92 1.93
CA ILE A 77 -10.93 -10.65 0.83
C ILE A 77 -10.09 -10.32 -0.39
N PHE A 78 -10.56 -10.71 -1.59
CA PHE A 78 -9.94 -10.26 -2.83
C PHE A 78 -11.00 -9.70 -3.77
N ILE A 79 -10.56 -8.86 -4.70
CA ILE A 79 -11.42 -8.34 -5.75
C ILE A 79 -10.82 -8.74 -7.10
N ILE A 80 -11.68 -8.84 -8.11
CA ILE A 80 -11.21 -9.11 -9.47
C ILE A 80 -11.63 -7.93 -10.34
N THR A 81 -10.67 -7.44 -11.14
CA THR A 81 -10.83 -6.21 -11.89
C THR A 81 -10.44 -6.45 -13.34
N GLU A 82 -10.92 -5.57 -14.21
CA GLU A 82 -10.60 -5.58 -15.63
C GLU A 82 -9.08 -5.54 -15.80
N TYR A 83 -8.53 -6.55 -16.49
CA TYR A 83 -7.11 -6.63 -16.71
C TYR A 83 -6.71 -5.61 -17.77
N MET A 84 -5.60 -4.91 -17.52
CA MET A 84 -5.14 -3.83 -18.40
C MET A 84 -3.68 -4.11 -18.77
N ALA A 85 -3.47 -4.54 -20.03
CA ALA A 85 -2.23 -5.19 -20.44
C ALA A 85 -1.04 -4.23 -20.38
N ASN A 86 -1.26 -2.97 -20.75
CA ASN A 86 -0.16 -2.01 -20.86
C ASN A 86 0.11 -1.34 -19.52
N GLY A 87 -0.65 -1.72 -18.49
CA GLY A 87 -0.30 -1.41 -17.11
C GLY A 87 -0.53 0.06 -16.78
N CYS A 88 0.25 0.53 -15.80
CA CYS A 88 0.12 1.86 -15.21
C CYS A 88 0.42 2.94 -16.24
N LEU A 89 -0.41 4.00 -16.28
CA LEU A 89 -0.25 5.09 -17.24
C LEU A 89 1.07 5.82 -17.01
N LEU A 90 1.49 5.95 -15.75
CA LEU A 90 2.70 6.69 -15.44
C LEU A 90 3.91 5.98 -16.06
N ASN A 91 4.05 4.68 -15.80
CA ASN A 91 5.07 3.84 -16.40
C ASN A 91 4.98 3.92 -17.92
N TYR A 92 3.75 3.93 -18.46
CA TYR A 92 3.52 3.95 -19.90
C TYR A 92 4.04 5.26 -20.52
N LEU A 93 3.82 6.38 -19.82
CA LEU A 93 4.28 7.68 -20.28
C LEU A 93 5.80 7.73 -20.30
N ARG A 94 6.46 7.07 -19.35
CA ARG A 94 7.90 7.16 -19.18
C ARG A 94 8.64 6.28 -20.19
N GLU A 95 8.11 5.08 -20.47
CA GLU A 95 8.75 4.16 -21.40
C GLU A 95 8.79 4.80 -22.79
N MET A 96 7.61 5.10 -23.34
CA MET A 96 7.47 5.47 -24.73
C MET A 96 7.54 6.99 -24.91
N ARG A 99 8.27 8.78 -28.27
CA ARG A 99 7.41 7.89 -29.10
C ARG A 99 6.04 8.54 -29.36
N PHE A 100 5.53 9.29 -28.38
CA PHE A 100 4.17 9.80 -28.41
C PHE A 100 4.04 11.03 -29.31
N GLN A 101 2.97 11.05 -30.11
CA GLN A 101 2.52 12.25 -30.81
C GLN A 101 1.64 13.05 -29.86
N THR A 102 1.51 14.35 -30.10
CA THR A 102 0.77 15.22 -29.18
C THR A 102 -0.72 14.92 -29.26
N GLN A 103 -1.18 14.41 -30.41
CA GLN A 103 -2.56 14.00 -30.58
C GLN A 103 -2.88 12.82 -29.66
N GLN A 104 -1.89 11.94 -29.44
CA GLN A 104 -2.06 10.79 -28.57
C GLN A 104 -2.16 11.22 -27.11
N LEU A 105 -1.42 12.28 -26.75
CA LEU A 105 -1.43 12.79 -25.38
C LEU A 105 -2.80 13.38 -25.04
N LEU A 106 -3.37 14.15 -25.99
CA LEU A 106 -4.68 14.76 -25.79
C LEU A 106 -5.76 13.68 -25.76
N GLU A 107 -5.56 12.60 -26.53
CA GLU A 107 -6.48 11.47 -26.54
C GLU A 107 -6.52 10.82 -25.15
N MET A 108 -5.35 10.75 -24.50
CA MET A 108 -5.25 10.19 -23.16
C MET A 108 -6.05 11.04 -22.16
N CYS A 109 -5.95 12.37 -22.30
CA CYS A 109 -6.70 13.31 -21.47
C CYS A 109 -8.21 13.16 -21.70
N LYS A 110 -8.62 12.95 -22.95
CA LYS A 110 -10.03 12.79 -23.29
C LYS A 110 -10.58 11.55 -22.60
N ASP A 111 -9.88 10.42 -22.76
CA ASP A 111 -10.26 9.17 -22.12
C ASP A 111 -10.59 9.39 -20.66
N VAL A 112 -9.65 10.00 -19.92
CA VAL A 112 -9.79 10.19 -18.48
C VAL A 112 -10.95 11.13 -18.19
N CYS A 113 -11.09 12.18 -19.01
CA CYS A 113 -12.12 13.19 -18.80
C CYS A 113 -13.52 12.59 -18.98
N GLU A 114 -13.66 11.67 -19.95
CA GLU A 114 -14.89 10.93 -20.16
C GLU A 114 -15.25 10.15 -18.88
N ALA A 115 -14.28 9.39 -18.37
CA ALA A 115 -14.46 8.62 -17.16
C ALA A 115 -14.91 9.51 -16.01
N MET A 116 -14.26 10.67 -15.87
CA MET A 116 -14.50 11.55 -14.73
C MET A 116 -15.84 12.29 -14.91
N GLU A 117 -16.18 12.62 -16.15
CA GLU A 117 -17.50 13.17 -16.45
C GLU A 117 -18.58 12.22 -15.94
N TYR A 118 -18.42 10.93 -16.25
CA TYR A 118 -19.35 9.90 -15.81
C TYR A 118 -19.44 9.88 -14.28
N LEU A 119 -18.29 9.87 -13.60
CA LEU A 119 -18.27 9.79 -12.14
C LEU A 119 -18.96 11.02 -11.54
N GLU A 120 -18.69 12.19 -12.12
CA GLU A 120 -19.28 13.44 -11.69
C GLU A 120 -20.80 13.36 -11.81
N SER A 121 -21.29 12.74 -12.90
CA SER A 121 -22.72 12.58 -13.13
C SER A 121 -23.36 11.67 -12.09
N LYS A 122 -22.55 10.82 -11.44
CA LYS A 122 -23.03 9.91 -10.40
C LYS A 122 -22.71 10.45 -9.00
N GLN A 123 -22.22 11.68 -8.91
CA GLN A 123 -21.78 12.30 -7.65
C GLN A 123 -20.81 11.38 -6.89
N PHE A 124 -19.93 10.69 -7.61
CA PHE A 124 -18.95 9.80 -7.01
C PHE A 124 -17.56 10.43 -7.10
N LEU A 125 -16.96 10.73 -5.94
CA LEU A 125 -15.65 11.35 -5.88
C LEU A 125 -14.57 10.28 -5.98
N HIS A 126 -13.55 10.53 -6.82
CA HIS A 126 -12.40 9.65 -6.94
C HIS A 126 -11.49 9.83 -5.73
N ARG A 127 -11.00 11.07 -5.52
CA ARG A 127 -10.26 11.49 -4.34
C ARG A 127 -8.75 11.27 -4.48
N ASP A 128 -8.32 10.53 -5.52
CA ASP A 128 -6.90 10.26 -5.70
C ASP A 128 -6.59 10.06 -7.18
N LEU A 129 -7.09 10.99 -8.02
CA LEU A 129 -6.84 10.92 -9.45
C LEU A 129 -5.38 11.33 -9.70
N ALA A 130 -4.69 10.48 -10.46
CA ALA A 130 -3.29 10.67 -10.81
C ALA A 130 -2.92 9.62 -11.85
N ALA A 131 -1.80 9.83 -12.55
CA ALA A 131 -1.36 8.93 -13.60
C ALA A 131 -1.10 7.54 -13.04
N ARG A 132 -0.60 7.45 -11.80
CA ARG A 132 -0.34 6.19 -11.13
C ARG A 132 -1.63 5.40 -10.88
N ASN A 133 -2.79 6.05 -11.01
CA ASN A 133 -4.07 5.42 -10.72
C ASN A 133 -4.89 5.27 -12.00
N CYS A 134 -4.23 5.45 -13.16
CA CYS A 134 -4.84 5.15 -14.45
C CYS A 134 -4.09 3.96 -15.06
N LEU A 135 -4.82 3.17 -15.86
CA LEU A 135 -4.27 1.97 -16.47
C LEU A 135 -4.49 2.06 -17.98
N VAL A 136 -3.66 1.32 -18.74
CA VAL A 136 -3.70 1.33 -20.19
C VAL A 136 -3.93 -0.10 -20.69
N ASN A 137 -4.89 -0.27 -21.60
CA ASN A 137 -5.23 -1.58 -22.14
C ASN A 137 -4.38 -1.84 -23.38
N ASP A 138 -4.68 -2.95 -24.08
CA ASP A 138 -3.88 -3.41 -25.20
C ASP A 138 -4.01 -2.47 -26.40
N GLN A 139 -5.16 -1.77 -26.51
CA GLN A 139 -5.40 -0.87 -27.62
C GLN A 139 -4.81 0.52 -27.36
N GLY A 140 -4.25 0.73 -26.15
CA GLY A 140 -3.70 2.04 -25.80
C GLY A 140 -4.76 3.00 -25.25
N VAL A 141 -5.94 2.47 -24.88
CA VAL A 141 -6.99 3.25 -24.26
C VAL A 141 -6.66 3.40 -22.77
N VAL A 142 -6.79 4.62 -22.26
CA VAL A 142 -6.56 4.91 -20.85
C VAL A 142 -7.88 4.80 -20.08
N LYS A 143 -7.84 4.13 -18.94
CA LYS A 143 -9.00 3.99 -18.07
C LYS A 143 -8.63 4.35 -16.64
N VAL A 144 -9.57 4.98 -15.94
CA VAL A 144 -9.39 5.38 -14.56
C VAL A 144 -9.63 4.16 -13.66
N SER A 145 -8.77 3.98 -12.66
CA SER A 145 -8.89 2.89 -11.70
C SER A 145 -8.67 3.42 -10.29
N ASP A 146 -8.72 2.51 -9.31
CA ASP A 146 -8.40 2.79 -7.92
C ASP A 146 -9.34 3.88 -7.38
N PHE A 147 -10.63 3.72 -7.71
CA PHE A 147 -11.69 4.53 -7.15
C PHE A 147 -12.52 3.64 -6.22
N GLY A 148 -12.99 4.20 -5.11
CA GLY A 148 -13.74 3.45 -4.12
C GLY A 148 -12.82 2.59 -3.24
N LEU A 149 -12.21 1.58 -3.86
CA LEU A 149 -11.20 0.76 -3.20
C LEU A 149 -9.83 1.11 -3.78
N SER A 150 -9.09 1.96 -3.04
CA SER A 150 -7.81 2.48 -3.49
C SER A 150 -6.68 1.53 -3.08
N TYR A 152 -8.84 0.48 -0.31
CA TYR A 152 -8.31 -0.33 0.81
C TYR A 152 -7.64 -1.59 0.24
N VAL A 153 -7.09 -1.47 -0.97
CA VAL A 153 -6.41 -2.55 -1.67
C VAL A 153 -5.01 -2.70 -1.06
N LEU A 154 -4.53 -3.95 -0.97
CA LEU A 154 -3.22 -4.24 -0.44
C LEU A 154 -2.17 -3.71 -1.43
N ASP A 155 -1.35 -2.77 -0.96
CA ASP A 155 -0.38 -2.09 -1.79
C ASP A 155 1.03 -2.46 -1.32
N ASP A 156 1.92 -2.75 -2.27
CA ASP A 156 3.29 -3.14 -1.95
C ASP A 156 4.24 -1.97 -2.13
N GLU A 157 3.71 -0.73 -2.12
CA GLU A 157 4.54 0.46 -2.19
C GLU A 157 4.86 0.93 -0.78
N TYR A 158 6.12 1.37 -0.58
CA TYR A 158 6.65 1.64 0.74
C TYR A 158 6.88 3.13 0.95
N THR A 159 6.84 3.53 2.23
CA THR A 159 7.08 4.88 2.68
C THR A 159 7.78 4.82 4.03
N SER A 160 8.33 5.96 4.46
CA SER A 160 8.78 6.12 5.84
C SER A 160 7.58 5.97 6.79
N SER A 161 7.80 5.25 7.89
CA SER A 161 6.77 5.04 8.90
C SER A 161 6.55 6.32 9.71
N VAL A 162 7.48 7.29 9.59
CA VAL A 162 7.33 8.62 10.14
C VAL A 162 6.68 9.54 9.10
N GLY A 163 7.07 9.38 7.83
CA GLY A 163 6.58 10.23 6.75
C GLY A 163 5.12 9.96 6.40
N SER A 164 4.63 10.62 5.34
CA SER A 164 3.23 10.55 4.93
C SER A 164 3.12 9.96 3.52
N LYS A 165 1.92 9.46 3.19
CA LYS A 165 1.64 8.89 1.89
C LYS A 165 0.44 9.60 1.23
N PHE A 166 0.05 10.75 1.79
CA PHE A 166 -1.07 11.51 1.27
C PHE A 166 -0.64 12.26 0.00
N PRO A 167 -1.48 12.24 -1.07
CA PRO A 167 -1.12 12.84 -2.36
C PRO A 167 -1.24 14.37 -2.40
N VAL A 168 -0.30 15.04 -1.74
CA VAL A 168 -0.30 16.48 -1.58
C VAL A 168 -0.21 17.15 -2.95
N ARG A 169 0.61 16.59 -3.85
CA ARG A 169 0.97 17.22 -5.11
C ARG A 169 -0.21 17.19 -6.09
N TRP A 170 -1.27 16.45 -5.76
CA TRP A 170 -2.47 16.37 -6.59
C TRP A 170 -3.66 17.05 -5.91
N SER A 171 -3.41 17.73 -4.77
CA SER A 171 -4.50 18.19 -3.91
C SER A 171 -4.63 19.70 -3.98
N PRO A 172 -5.88 20.23 -4.04
CA PRO A 172 -6.10 21.68 -4.02
C PRO A 172 -5.97 22.24 -2.60
N PRO A 173 -5.83 23.58 -2.45
CA PRO A 173 -5.70 24.20 -1.13
C PRO A 173 -6.75 23.77 -0.12
N GLU A 174 -8.02 23.71 -0.54
CA GLU A 174 -9.13 23.47 0.38
C GLU A 174 -9.07 22.06 0.95
N VAL A 175 -8.46 21.12 0.21
CA VAL A 175 -8.27 19.76 0.70
C VAL A 175 -7.10 19.74 1.70
N LEU A 176 -6.00 20.41 1.35
CA LEU A 176 -4.81 20.42 2.20
C LEU A 176 -5.11 21.12 3.53
N MET A 177 -5.97 22.15 3.50
CA MET A 177 -6.24 22.97 4.66
C MET A 177 -7.41 22.41 5.46
N TYR A 178 -8.51 22.07 4.78
CA TYR A 178 -9.79 21.83 5.44
C TYR A 178 -10.34 20.42 5.19
N SER A 179 -9.62 19.61 4.40
CA SER A 179 -10.12 18.30 3.98
C SER A 179 -11.50 18.44 3.31
N LYS A 180 -11.67 19.48 2.48
CA LYS A 180 -12.90 19.65 1.72
C LYS A 180 -12.74 18.98 0.36
N PHE A 181 -13.21 17.73 0.29
CA PHE A 181 -13.28 16.97 -0.94
C PHE A 181 -14.58 17.33 -1.66
N SER A 182 -14.48 17.54 -2.97
CA SER A 182 -15.64 17.76 -3.83
C SER A 182 -15.26 17.32 -5.23
N SER A 183 -16.21 17.44 -6.17
CA SER A 183 -15.92 17.19 -7.58
C SER A 183 -14.81 18.14 -8.05
N LYS A 184 -14.71 19.32 -7.41
CA LYS A 184 -13.75 20.35 -7.79
C LYS A 184 -12.34 20.00 -7.33
N SER A 185 -12.21 19.17 -6.29
CA SER A 185 -10.90 18.68 -5.88
C SER A 185 -10.42 17.59 -6.83
N ASP A 186 -11.36 16.84 -7.43
CA ASP A 186 -11.06 15.92 -8.51
C ASP A 186 -10.66 16.68 -9.78
N ILE A 187 -11.31 17.82 -10.03
CA ILE A 187 -11.00 18.68 -11.16
C ILE A 187 -9.53 19.11 -11.07
N TRP A 188 -9.12 19.55 -9.87
CA TRP A 188 -7.75 19.98 -9.63
C TRP A 188 -6.77 18.85 -9.98
N ALA A 189 -7.01 17.67 -9.39
CA ALA A 189 -6.19 16.49 -9.64
C ALA A 189 -6.10 16.20 -11.13
N PHE A 190 -7.21 16.37 -11.85
CA PHE A 190 -7.24 16.12 -13.28
C PHE A 190 -6.27 17.06 -14.01
N GLY A 191 -6.20 18.32 -13.55
CA GLY A 191 -5.25 19.28 -14.11
C GLY A 191 -3.80 18.80 -13.96
N VAL A 192 -3.50 18.23 -12.79
CA VAL A 192 -2.16 17.75 -12.50
C VAL A 192 -1.88 16.50 -13.33
N LEU A 193 -2.91 15.66 -13.52
CA LEU A 193 -2.79 14.48 -14.38
C LEU A 193 -2.51 14.90 -15.82
N MET A 194 -3.18 15.95 -16.30
CA MET A 194 -2.89 16.47 -17.63
C MET A 194 -1.42 16.88 -17.74
N TRP A 195 -0.91 17.51 -16.68
CA TRP A 195 0.49 17.92 -16.64
C TRP A 195 1.41 16.71 -16.64
N GLU A 196 1.05 15.67 -15.87
CA GLU A 196 1.81 14.42 -15.89
C GLU A 196 1.88 13.85 -17.31
N ILE A 197 0.74 13.87 -18.01
CA ILE A 197 0.66 13.32 -19.35
C ILE A 197 1.56 14.13 -20.29
N TYR A 198 1.43 15.46 -20.25
CA TYR A 198 2.12 16.30 -21.22
C TYR A 198 3.60 16.49 -20.87
N SER A 199 4.00 16.14 -19.64
CA SER A 199 5.39 16.17 -19.25
C SER A 199 6.03 14.79 -19.45
N LEU A 200 5.26 13.84 -19.98
CA LEU A 200 5.69 12.46 -20.19
C LEU A 200 6.11 11.82 -18.87
N GLY A 201 5.37 12.11 -17.79
CA GLY A 201 5.45 11.35 -16.56
C GLY A 201 6.45 11.91 -15.55
N LYS A 202 6.70 13.22 -15.58
CA LYS A 202 7.46 13.87 -14.52
C LYS A 202 6.63 13.89 -13.26
N MET A 203 7.30 13.93 -12.11
CA MET A 203 6.62 14.12 -10.84
C MET A 203 6.39 15.61 -10.66
N PRO A 204 5.15 16.04 -10.28
CA PRO A 204 4.88 17.46 -10.03
C PRO A 204 5.71 18.04 -8.89
N TYR A 205 6.17 19.28 -9.09
CA TYR A 205 6.87 20.05 -8.07
C TYR A 205 8.07 19.26 -7.55
N GLU A 206 8.88 18.73 -8.48
CA GLU A 206 9.89 17.72 -8.20
C GLU A 206 10.92 18.21 -7.16
N ARG A 207 11.29 19.49 -7.24
CA ARG A 207 12.33 20.02 -6.36
C ARG A 207 11.71 20.67 -5.11
N PHE A 208 10.42 20.43 -4.86
CA PHE A 208 9.77 20.89 -3.65
C PHE A 208 9.41 19.69 -2.78
N THR A 209 9.44 19.88 -1.46
CA THR A 209 8.84 18.93 -0.53
C THR A 209 7.33 19.16 -0.52
N ASN A 210 6.60 18.24 0.12
CA ASN A 210 5.16 18.35 0.25
C ASN A 210 4.79 19.68 0.92
N SER A 211 5.55 20.09 1.94
CA SER A 211 5.25 21.31 2.67
C SER A 211 5.56 22.54 1.81
N GLU A 212 6.67 22.50 1.06
CA GLU A 212 7.06 23.59 0.17
C GLU A 212 6.07 23.69 -1.00
N THR A 213 5.51 22.54 -1.42
CA THR A 213 4.52 22.53 -2.49
C THR A 213 3.28 23.28 -2.05
N ALA A 214 2.81 23.02 -0.82
CA ALA A 214 1.65 23.68 -0.25
C ALA A 214 1.86 25.19 -0.20
N GLU A 215 3.06 25.63 0.19
CA GLU A 215 3.40 27.05 0.27
C GLU A 215 3.34 27.69 -1.12
N HIS A 216 3.94 27.03 -2.12
CA HIS A 216 4.03 27.51 -3.50
C HIS A 216 2.66 27.81 -4.09
N ILE A 217 1.71 26.89 -3.89
CA ILE A 217 0.35 27.03 -4.39
C ILE A 217 -0.35 28.20 -3.71
N ALA A 218 -0.10 28.39 -2.40
CA ALA A 218 -0.72 29.44 -1.62
C ALA A 218 -0.30 30.82 -2.13
N GLN A 219 0.87 30.91 -2.79
CA GLN A 219 1.35 32.16 -3.35
C GLN A 219 0.75 32.44 -4.74
N GLY A 220 -0.01 31.48 -5.28
CA GLY A 220 -0.66 31.61 -6.58
C GLY A 220 0.11 30.91 -7.71
N LEU A 221 1.23 30.27 -7.37
CA LEU A 221 2.11 29.68 -8.37
C LEU A 221 1.61 28.29 -8.70
N ARG A 222 1.81 27.89 -9.96
CA ARG A 222 1.27 26.64 -10.49
C ARG A 222 2.34 25.92 -11.32
N LEU A 223 2.09 24.64 -11.64
CA LEU A 223 2.98 23.83 -12.47
C LEU A 223 3.21 24.49 -13.82
N TYR A 224 4.47 24.48 -14.29
CA TYR A 224 4.86 25.14 -15.53
C TYR A 224 4.19 24.47 -16.72
N ARG A 225 4.10 25.19 -17.84
CA ARG A 225 3.54 24.64 -19.07
C ARG A 225 4.55 23.67 -19.67
N PRO A 226 4.24 22.36 -19.82
CA PRO A 226 5.14 21.45 -20.50
C PRO A 226 5.29 21.85 -21.96
N HIS A 227 6.46 21.59 -22.56
CA HIS A 227 6.75 22.11 -23.88
C HIS A 227 5.84 21.47 -24.93
N LEU A 228 5.40 20.23 -24.68
CA LEU A 228 4.54 19.50 -25.61
C LEU A 228 3.09 20.01 -25.57
N ALA A 229 2.72 20.78 -24.53
CA ALA A 229 1.40 21.37 -24.44
C ALA A 229 1.37 22.70 -25.20
N SER A 230 0.30 22.89 -25.99
CA SER A 230 0.05 24.16 -26.66
C SER A 230 -0.53 25.16 -25.66
N GLU A 231 -0.64 26.42 -26.07
CA GLU A 231 -1.26 27.46 -25.27
C GLU A 231 -2.67 27.03 -24.86
N LYS A 232 -3.43 26.46 -25.82
CA LYS A 232 -4.81 26.06 -25.57
C LYS A 232 -4.85 24.89 -24.58
N VAL A 233 -3.93 23.94 -24.74
CA VAL A 233 -3.86 22.80 -23.84
C VAL A 233 -3.52 23.28 -22.43
N TYR A 234 -2.60 24.25 -22.32
CA TYR A 234 -2.18 24.72 -21.01
C TYR A 234 -3.33 25.45 -20.33
N THR A 235 -4.06 26.26 -21.10
CA THR A 235 -5.23 26.98 -20.59
C THR A 235 -6.20 26.00 -19.92
N ILE A 236 -6.37 24.81 -20.51
CA ILE A 236 -7.30 23.83 -20.01
C ILE A 236 -6.81 23.27 -18.66
N MET A 237 -5.56 22.77 -18.61
CA MET A 237 -5.08 22.20 -17.37
C MET A 237 -5.00 23.30 -16.31
N TYR A 238 -4.66 24.53 -16.73
CA TYR A 238 -4.50 25.63 -15.79
C TYR A 238 -5.86 26.01 -15.18
N SER A 239 -6.94 25.88 -15.98
CA SER A 239 -8.27 26.22 -15.52
C SER A 239 -8.66 25.36 -14.32
N CYS A 240 -8.04 24.17 -14.20
CA CYS A 240 -8.33 23.23 -13.14
C CYS A 240 -7.76 23.70 -11.80
N TRP A 241 -6.85 24.69 -11.81
CA TRP A 241 -6.11 25.04 -10.61
C TRP A 241 -6.53 26.39 -10.05
N HIS A 242 -7.76 26.83 -10.32
CA HIS A 242 -8.24 28.09 -9.79
C HIS A 242 -8.27 28.01 -8.27
N GLU A 243 -7.82 29.08 -7.62
CA GLU A 243 -7.77 29.15 -6.16
C GLU A 243 -9.15 28.88 -5.57
N LYS A 244 -10.20 29.39 -6.21
CA LYS A 244 -11.57 29.19 -5.78
C LYS A 244 -12.15 27.99 -6.50
N ALA A 245 -12.66 27.03 -5.72
CA ALA A 245 -13.15 25.76 -6.23
C ALA A 245 -14.31 25.95 -7.20
N ASP A 246 -15.19 26.93 -6.91
CA ASP A 246 -16.41 27.12 -7.67
C ASP A 246 -16.11 27.73 -9.04
N GLU A 247 -14.93 28.32 -9.22
CA GLU A 247 -14.56 28.90 -10.51
C GLU A 247 -13.73 27.92 -11.34
N ARG A 248 -13.49 26.71 -10.83
CA ARG A 248 -12.93 25.64 -11.64
C ARG A 248 -14.05 25.08 -12.51
N PRO A 249 -13.75 24.60 -13.74
CA PRO A 249 -14.80 24.05 -14.61
C PRO A 249 -15.30 22.69 -14.12
N THR A 250 -16.29 22.15 -14.83
CA THR A 250 -16.77 20.79 -14.63
C THR A 250 -16.05 19.88 -15.61
N PHE A 251 -16.21 18.56 -15.41
CA PHE A 251 -15.64 17.59 -16.33
C PHE A 251 -16.35 17.64 -17.67
N LYS A 252 -17.62 18.06 -17.69
CA LYS A 252 -18.36 18.24 -18.92
C LYS A 252 -17.75 19.37 -19.74
N ILE A 253 -17.48 20.50 -19.06
CA ILE A 253 -16.86 21.66 -19.69
C ILE A 253 -15.48 21.29 -20.23
N LEU A 254 -14.69 20.58 -19.41
CA LEU A 254 -13.34 20.18 -19.78
C LEU A 254 -13.37 19.30 -21.02
N LEU A 255 -14.31 18.35 -21.06
CA LEU A 255 -14.44 17.46 -22.20
C LEU A 255 -14.79 18.26 -23.46
N SER A 256 -15.65 19.27 -23.33
CA SER A 256 -15.96 20.18 -24.44
C SER A 256 -14.70 20.86 -24.94
N ASN A 257 -13.92 21.40 -23.99
CA ASN A 257 -12.71 22.13 -24.31
C ASN A 257 -11.72 21.21 -25.01
N ILE A 258 -11.59 19.98 -24.52
CA ILE A 258 -10.65 19.01 -25.07
C ILE A 258 -11.05 18.66 -26.50
N LEU A 259 -12.34 18.42 -26.72
CA LEU A 259 -12.84 18.00 -28.03
C LEU A 259 -12.66 19.13 -29.05
N ASP A 260 -12.82 20.39 -28.60
CA ASP A 260 -12.61 21.54 -29.48
C ASP A 260 -11.16 21.59 -29.96
N VAL A 261 -10.23 21.36 -29.03
CA VAL A 261 -8.80 21.44 -29.33
C VAL A 261 -8.43 20.30 -30.28
N MET A 262 -9.13 19.16 -30.17
CA MET A 262 -8.92 18.03 -31.06
C MET A 262 -9.34 18.40 -32.48
N ASP A 263 -10.46 19.14 -32.60
CA ASP A 263 -10.98 19.59 -33.88
C ASP A 263 -9.94 20.47 -34.57
N GLU A 264 -9.30 21.36 -33.79
CA GLU A 264 -8.32 22.31 -34.31
C GLU A 264 -6.97 21.61 -34.47
N GLU A 265 -6.92 20.64 -35.38
CA GLU A 265 -5.77 19.77 -35.55
C GLU A 265 -4.53 20.59 -35.90
N TRP B 2 25.62 1.14 0.04
CA TRP B 2 24.16 1.41 0.24
C TRP B 2 23.44 1.52 -1.09
N GLU B 3 24.08 2.15 -2.09
CA GLU B 3 23.49 2.32 -3.41
C GLU B 3 23.70 1.03 -4.22
N ILE B 4 22.70 0.70 -5.06
CA ILE B 4 22.70 -0.52 -5.85
C ILE B 4 22.60 -0.16 -7.32
N ASP B 5 23.41 -0.84 -8.15
CA ASP B 5 23.26 -0.79 -9.59
C ASP B 5 22.32 -1.92 -10.00
N PRO B 6 21.18 -1.64 -10.66
CA PRO B 6 20.23 -2.69 -11.05
C PRO B 6 20.74 -3.69 -12.10
N LYS B 7 21.95 -3.48 -12.62
CA LYS B 7 22.57 -4.42 -13.55
C LYS B 7 23.27 -5.53 -12.78
N ASP B 8 23.43 -5.37 -11.46
CA ASP B 8 23.92 -6.43 -10.58
C ASP B 8 22.78 -7.37 -10.17
N LEU B 9 21.57 -7.11 -10.69
CA LEU B 9 20.42 -7.99 -10.48
C LEU B 9 20.26 -8.92 -11.67
N THR B 10 20.14 -10.23 -11.38
CA THR B 10 19.95 -11.25 -12.39
C THR B 10 18.80 -12.16 -11.98
N PHE B 11 18.36 -13.02 -12.92
CA PHE B 11 17.32 -14.01 -12.68
C PHE B 11 16.07 -13.33 -12.13
N LEU B 12 15.66 -12.22 -12.75
CA LEU B 12 14.46 -11.51 -12.36
C LEU B 12 13.25 -12.39 -12.65
N LYS B 13 12.37 -12.56 -11.66
CA LYS B 13 11.19 -13.39 -11.80
C LYS B 13 10.01 -12.74 -11.08
N GLU B 14 8.80 -13.17 -11.48
CA GLU B 14 7.57 -12.84 -10.80
C GLU B 14 7.05 -14.11 -10.16
N LEU B 15 7.18 -14.21 -8.84
CA LEU B 15 6.83 -15.43 -8.12
C LEU B 15 5.48 -15.25 -7.44
N GLY B 16 4.77 -16.37 -7.26
CA GLY B 16 3.56 -16.39 -6.46
C GLY B 16 3.89 -16.56 -4.98
N THR B 17 3.14 -15.86 -4.12
CA THR B 17 3.18 -16.10 -2.69
C THR B 17 1.73 -16.21 -2.20
N GLY B 18 1.46 -17.29 -1.46
CA GLY B 18 0.10 -17.63 -1.10
C GLY B 18 -0.76 -17.88 -2.34
N GLN B 19 -2.07 -17.70 -2.19
CA GLN B 19 -3.02 -18.03 -3.23
C GLN B 19 -2.97 -17.02 -4.36
N PHE B 20 -2.90 -15.72 -4.02
CA PHE B 20 -3.04 -14.66 -5.01
C PHE B 20 -1.96 -13.57 -4.88
N GLY B 21 -1.01 -13.73 -3.94
CA GLY B 21 0.05 -12.76 -3.78
C GLY B 21 1.13 -12.91 -4.85
N VAL B 22 1.91 -11.85 -5.06
CA VAL B 22 2.99 -11.88 -6.03
C VAL B 22 4.20 -11.13 -5.46
N VAL B 23 5.39 -11.59 -5.85
CA VAL B 23 6.67 -11.05 -5.38
C VAL B 23 7.58 -10.89 -6.60
N LYS B 24 8.31 -9.77 -6.65
CA LYS B 24 9.34 -9.58 -7.67
C LYS B 24 10.66 -10.09 -7.10
N TYR B 25 11.16 -11.21 -7.65
CA TYR B 25 12.36 -11.86 -7.17
C TYR B 25 13.54 -11.52 -8.08
N GLY B 26 14.75 -11.52 -7.49
CA GLY B 26 15.99 -11.40 -8.24
C GLY B 26 17.16 -11.97 -7.46
N LYS B 27 18.32 -12.07 -8.13
CA LYS B 27 19.59 -12.40 -7.50
C LYS B 27 20.49 -11.16 -7.50
N TRP B 28 21.07 -10.85 -6.34
CA TRP B 28 21.98 -9.73 -6.20
C TRP B 28 23.41 -10.24 -6.11
N ARG B 29 24.22 -9.89 -7.11
CA ARG B 29 25.63 -10.28 -7.20
C ARG B 29 25.78 -11.80 -7.24
N GLY B 30 24.77 -12.47 -7.79
CA GLY B 30 24.82 -13.90 -8.04
C GLY B 30 24.97 -14.74 -6.77
N GLN B 31 24.51 -14.22 -5.63
CA GLN B 31 24.55 -14.98 -4.38
C GLN B 31 23.28 -14.80 -3.55
N TYR B 32 22.82 -13.55 -3.42
CA TYR B 32 21.74 -13.23 -2.50
C TYR B 32 20.39 -13.27 -3.23
N ASP B 33 19.43 -14.01 -2.65
CA ASP B 33 18.04 -13.96 -3.08
C ASP B 33 17.40 -12.69 -2.52
N VAL B 34 16.79 -11.88 -3.39
CA VAL B 34 16.20 -10.62 -2.96
C VAL B 34 14.77 -10.51 -3.47
N ALA B 35 13.96 -9.78 -2.70
CA ALA B 35 12.69 -9.24 -3.18
C ALA B 35 12.89 -7.76 -3.49
N ILE B 36 12.29 -7.30 -4.60
CA ILE B 36 12.40 -5.91 -5.02
C ILE B 36 11.08 -5.20 -4.73
N LYS B 37 11.16 -4.11 -3.96
CA LYS B 37 10.01 -3.34 -3.55
C LYS B 37 10.20 -1.88 -3.95
N MET B 38 9.09 -1.24 -4.34
CA MET B 38 9.11 0.12 -4.85
C MET B 38 8.75 1.09 -3.73
N ILE B 39 9.34 2.29 -3.78
CA ILE B 39 9.05 3.37 -2.84
C ILE B 39 8.07 4.32 -3.50
N LYS B 40 7.03 4.72 -2.74
CA LYS B 40 6.00 5.63 -3.20
C LYS B 40 6.63 6.96 -3.59
N GLU B 41 6.27 7.48 -4.77
CA GLU B 41 6.91 8.66 -5.32
C GLU B 41 6.44 9.91 -4.58
N GLY B 42 7.41 10.75 -4.18
CA GLY B 42 7.13 12.04 -3.58
C GLY B 42 6.61 11.93 -2.14
N SER B 43 6.82 10.77 -1.52
CA SER B 43 6.34 10.52 -0.16
C SER B 43 7.37 11.04 0.86
N MET B 44 8.61 11.24 0.41
CA MET B 44 9.66 11.81 1.24
C MET B 44 10.76 12.38 0.34
N SER B 45 11.61 13.24 0.90
CA SER B 45 12.75 13.77 0.16
C SER B 45 13.76 12.66 -0.09
N GLU B 46 14.65 12.88 -1.07
CA GLU B 46 15.73 11.94 -1.35
C GLU B 46 16.73 11.98 -0.19
N ASP B 47 16.81 13.12 0.51
CA ASP B 47 17.62 13.24 1.72
C ASP B 47 17.08 12.29 2.79
N GLU B 48 15.81 12.52 3.19
CA GLU B 48 15.18 11.76 4.25
C GLU B 48 15.24 10.26 3.97
N PHE B 49 15.06 9.89 2.70
CA PHE B 49 15.05 8.49 2.31
C PHE B 49 16.40 7.84 2.62
N ILE B 50 17.49 8.50 2.22
CA ILE B 50 18.83 7.92 2.28
C ILE B 50 19.27 7.76 3.74
N GLU B 51 19.02 8.78 4.57
CA GLU B 51 19.42 8.72 5.97
C GLU B 51 18.70 7.57 6.67
N GLU B 52 17.42 7.37 6.35
CA GLU B 52 16.62 6.31 6.93
C GLU B 52 17.10 4.94 6.45
N ALA B 53 17.50 4.86 5.17
CA ALA B 53 18.00 3.62 4.60
C ALA B 53 19.32 3.22 5.26
N LYS B 54 20.12 4.21 5.65
CA LYS B 54 21.41 3.96 6.29
C LYS B 54 21.20 3.42 7.71
N VAL B 55 20.26 4.03 8.44
CA VAL B 55 19.91 3.54 9.77
C VAL B 55 19.47 2.08 9.66
N MET B 56 18.63 1.78 8.66
CA MET B 56 18.03 0.46 8.51
C MET B 56 19.07 -0.59 8.14
N MET B 57 20.09 -0.19 7.38
CA MET B 57 21.09 -1.13 6.90
C MET B 57 22.09 -1.47 8.01
N ASN B 58 22.18 -0.61 9.03
CA ASN B 58 23.00 -0.86 10.19
C ASN B 58 22.28 -1.76 11.18
N LEU B 59 20.95 -1.86 11.07
CA LEU B 59 20.17 -2.82 11.84
C LEU B 59 20.41 -4.22 11.28
N SER B 60 21.35 -4.93 11.89
CA SER B 60 21.75 -6.26 11.44
C SER B 60 21.51 -7.27 12.55
N HIS B 61 20.52 -8.14 12.32
CA HIS B 61 20.21 -9.24 13.23
C HIS B 61 19.61 -10.35 12.38
N GLU B 62 19.82 -11.61 12.79
CA GLU B 62 19.44 -12.77 12.01
C GLU B 62 17.92 -12.85 11.83
N LYS B 63 17.16 -12.30 12.80
CA LYS B 63 15.71 -12.40 12.81
C LYS B 63 15.06 -11.08 12.37
N LEU B 64 15.85 -10.18 11.78
CA LEU B 64 15.33 -9.03 11.04
C LEU B 64 15.50 -9.31 9.55
N VAL B 65 14.46 -8.99 8.77
CA VAL B 65 14.56 -9.08 7.32
C VAL B 65 15.51 -7.99 6.85
N GLN B 66 16.62 -8.40 6.21
CA GLN B 66 17.70 -7.48 5.89
C GLN B 66 17.36 -6.64 4.67
N LEU B 67 17.62 -5.34 4.78
CA LEU B 67 17.70 -4.44 3.65
C LEU B 67 19.12 -4.45 3.10
N TYR B 68 19.29 -4.87 1.84
CA TYR B 68 20.61 -5.01 1.24
C TYR B 68 21.04 -3.71 0.56
N GLY B 69 20.07 -2.89 0.12
CA GLY B 69 20.41 -1.60 -0.47
C GLY B 69 19.22 -0.95 -1.17
N VAL B 70 19.52 0.17 -1.86
CA VAL B 70 18.51 1.01 -2.48
C VAL B 70 19.04 1.45 -3.84
N CYS B 71 18.11 1.86 -4.73
CA CYS B 71 18.49 2.51 -5.99
CA CYS B 71 18.46 2.48 -6.01
C CYS B 71 17.68 3.77 -6.17
N THR B 72 18.39 4.91 -6.21
CA THR B 72 17.77 6.23 -6.25
C THR B 72 18.02 6.94 -7.58
N LYS B 73 18.63 6.22 -8.54
CA LYS B 73 19.09 6.84 -9.78
C LYS B 73 18.04 6.69 -10.88
N GLN B 74 16.89 6.10 -10.53
CA GLN B 74 15.76 6.05 -11.45
C GLN B 74 14.48 6.27 -10.65
N ARG B 75 13.39 6.55 -11.36
CA ARG B 75 12.08 6.68 -10.76
C ARG B 75 11.21 5.49 -11.18
N PRO B 76 10.55 4.79 -10.23
CA PRO B 76 10.64 5.10 -8.80
C PRO B 76 11.90 4.55 -8.16
N ILE B 77 12.16 4.99 -6.92
CA ILE B 77 13.17 4.37 -6.08
C ILE B 77 12.73 2.94 -5.80
N PHE B 78 13.70 2.03 -5.70
CA PHE B 78 13.45 0.64 -5.36
CA PHE B 78 13.40 0.66 -5.31
C PHE B 78 14.35 0.25 -4.20
N ILE B 79 13.91 -0.71 -3.39
CA ILE B 79 14.75 -1.29 -2.35
C ILE B 79 14.83 -2.78 -2.62
N ILE B 80 15.94 -3.40 -2.19
CA ILE B 80 16.11 -4.84 -2.32
C ILE B 80 16.27 -5.41 -0.92
N THR B 81 15.50 -6.46 -0.62
CA THR B 81 15.36 -6.99 0.72
C THR B 81 15.59 -8.50 0.69
N GLU B 82 15.93 -9.05 1.85
CA GLU B 82 16.11 -10.48 2.04
C GLU B 82 14.84 -11.21 1.59
N TYR B 83 14.99 -12.13 0.63
CA TYR B 83 13.88 -12.90 0.09
C TYR B 83 13.46 -13.94 1.13
N MET B 84 12.14 -14.08 1.33
CA MET B 84 11.60 -14.97 2.34
C MET B 84 10.58 -15.90 1.68
N ALA B 85 10.98 -17.16 1.49
CA ALA B 85 10.32 -18.08 0.56
C ALA B 85 8.90 -18.41 1.03
N ASN B 86 8.70 -18.58 2.34
CA ASN B 86 7.43 -19.02 2.88
C ASN B 86 6.49 -17.84 3.12
N GLY B 87 6.95 -16.62 2.81
CA GLY B 87 6.08 -15.47 2.72
C GLY B 87 5.58 -14.99 4.08
N CYS B 88 4.41 -14.37 4.07
CA CYS B 88 3.82 -13.69 5.22
C CYS B 88 3.50 -14.68 6.34
N LEU B 89 3.83 -14.32 7.58
CA LEU B 89 3.59 -15.18 8.74
C LEU B 89 2.09 -15.45 8.91
N LEU B 90 1.26 -14.44 8.64
CA LEU B 90 -0.17 -14.57 8.87
C LEU B 90 -0.75 -15.64 7.96
N ASN B 91 -0.45 -15.53 6.65
CA ASN B 91 -0.82 -16.55 5.67
C ASN B 91 -0.26 -17.91 6.08
N TYR B 92 0.97 -17.93 6.60
CA TYR B 92 1.65 -19.15 6.99
C TYR B 92 0.91 -19.84 8.14
N LEU B 93 0.44 -19.04 9.11
CA LEU B 93 -0.29 -19.57 10.26
C LEU B 93 -1.62 -20.20 9.81
N ARG B 94 -2.25 -19.61 8.78
CA ARG B 94 -3.59 -20.02 8.37
C ARG B 94 -3.53 -21.27 7.50
N GLU B 95 -2.53 -21.38 6.63
CA GLU B 95 -2.40 -22.54 5.76
C GLU B 95 -2.18 -23.79 6.59
N MET B 96 -1.11 -23.80 7.38
CA MET B 96 -0.61 -25.00 8.03
C MET B 96 -1.25 -25.15 9.42
N ARG B 99 -1.30 -28.50 11.38
CA ARG B 99 0.11 -28.87 11.08
C ARG B 99 1.03 -28.58 12.26
N PHE B 100 0.79 -27.44 12.94
CA PHE B 100 1.76 -26.89 13.89
C PHE B 100 1.67 -27.60 15.25
N GLN B 101 2.84 -27.91 15.81
CA GLN B 101 2.97 -28.29 17.20
C GLN B 101 3.11 -27.01 18.03
N THR B 102 2.76 -27.09 19.32
CA THR B 102 2.78 -25.93 20.20
C THR B 102 4.22 -25.45 20.42
N GLN B 103 5.19 -26.36 20.32
CA GLN B 103 6.59 -26.00 20.46
C GLN B 103 7.01 -25.09 19.30
N GLN B 104 6.43 -25.33 18.11
CA GLN B 104 6.74 -24.54 16.92
C GLN B 104 6.16 -23.14 17.07
N LEU B 105 5.00 -23.01 17.72
CA LEU B 105 4.36 -21.73 17.91
C LEU B 105 5.19 -20.85 18.84
N LEU B 106 5.69 -21.45 19.93
CA LEU B 106 6.50 -20.72 20.89
C LEU B 106 7.85 -20.34 20.27
N GLU B 107 8.36 -21.20 19.36
CA GLU B 107 9.58 -20.91 18.62
C GLU B 107 9.39 -19.66 17.75
N MET B 108 8.20 -19.52 17.16
CA MET B 108 7.88 -18.36 16.35
C MET B 108 7.89 -17.09 17.19
N CYS B 109 7.35 -17.18 18.41
CA CYS B 109 7.35 -16.05 19.34
C CYS B 109 8.77 -15.67 19.76
N LYS B 110 9.63 -16.67 19.97
CA LYS B 110 11.02 -16.45 20.34
C LYS B 110 11.74 -15.69 19.24
N ASP B 111 11.61 -16.19 18.00
CA ASP B 111 12.21 -15.55 16.83
C ASP B 111 11.92 -14.05 16.84
N VAL B 112 10.63 -13.70 16.95
CA VAL B 112 10.21 -12.31 16.86
C VAL B 112 10.75 -11.53 18.05
N CYS B 113 10.74 -12.15 19.24
CA CYS B 113 11.18 -11.50 20.47
C CYS B 113 12.67 -11.16 20.40
N GLU B 114 13.46 -12.06 19.82
CA GLU B 114 14.87 -11.81 19.57
C GLU B 114 15.04 -10.56 18.71
N ALA B 115 14.33 -10.52 17.58
CA ALA B 115 14.37 -9.39 16.66
C ALA B 115 14.03 -8.09 17.39
N MET B 116 12.98 -8.12 18.22
CA MET B 116 12.48 -6.93 18.88
C MET B 116 13.40 -6.52 20.02
N GLU B 117 14.00 -7.50 20.71
CA GLU B 117 15.02 -7.25 21.71
C GLU B 117 16.14 -6.41 21.09
N TYR B 118 16.59 -6.84 19.91
CA TYR B 118 17.65 -6.15 19.17
C TYR B 118 17.23 -4.72 18.87
N LEU B 119 16.01 -4.53 18.34
CA LEU B 119 15.55 -3.20 17.96
C LEU B 119 15.46 -2.30 19.19
N GLU B 120 14.97 -2.87 20.30
CA GLU B 120 14.86 -2.15 21.56
C GLU B 120 16.24 -1.69 22.02
N SER B 121 17.26 -2.54 21.82
CA SER B 121 18.63 -2.21 22.21
C SER B 121 19.18 -1.06 21.37
N LYS B 122 18.59 -0.83 20.18
CA LYS B 122 18.99 0.25 19.29
C LYS B 122 18.05 1.45 19.40
N GLN B 123 17.11 1.43 20.36
CA GLN B 123 16.07 2.45 20.53
C GLN B 123 15.36 2.74 19.20
N PHE B 124 15.09 1.68 18.43
CA PHE B 124 14.39 1.80 17.15
C PHE B 124 12.98 1.24 17.31
N LEU B 125 11.97 2.11 17.14
CA LEU B 125 10.58 1.72 17.26
C LEU B 125 10.10 1.13 15.94
N HIS B 126 9.41 -0.01 16.01
CA HIS B 126 8.81 -0.63 14.84
C HIS B 126 7.55 0.14 14.45
N ARG B 127 6.59 0.22 15.38
CA ARG B 127 5.40 1.06 15.28
C ARG B 127 4.23 0.31 14.62
N ASP B 128 4.47 -0.87 14.04
CA ASP B 128 3.43 -1.61 13.36
C ASP B 128 3.75 -3.10 13.38
N LEU B 129 4.11 -3.62 14.55
CA LEU B 129 4.41 -5.03 14.69
C LEU B 129 3.10 -5.82 14.65
N ALA B 130 3.07 -6.85 13.80
CA ALA B 130 1.91 -7.71 13.60
C ALA B 130 2.34 -8.88 12.71
N ALA B 131 1.52 -9.93 12.68
CA ALA B 131 1.84 -11.13 11.92
C ALA B 131 1.97 -10.82 10.43
N ARG B 132 1.15 -9.88 9.94
CA ARG B 132 1.18 -9.45 8.54
C ARG B 132 2.49 -8.76 8.19
N ASN B 133 3.29 -8.40 9.20
CA ASN B 133 4.53 -7.67 9.00
C ASN B 133 5.73 -8.55 9.36
N CYS B 134 5.49 -9.85 9.53
CA CYS B 134 6.56 -10.83 9.72
C CYS B 134 6.58 -11.75 8.50
N LEU B 135 7.78 -12.27 8.18
CA LEU B 135 7.97 -13.13 7.01
C LEU B 135 8.62 -14.43 7.48
N VAL B 136 8.45 -15.49 6.69
CA VAL B 136 8.96 -16.81 7.01
C VAL B 136 9.86 -17.28 5.87
N ASN B 137 11.06 -17.77 6.23
CA ASN B 137 12.02 -18.24 5.24
C ASN B 137 11.78 -19.73 4.99
N ASP B 138 12.68 -20.34 4.21
CA ASP B 138 12.53 -21.71 3.75
C ASP B 138 12.67 -22.69 4.91
N GLN B 139 13.45 -22.31 5.94
CA GLN B 139 13.70 -23.17 7.09
C GLN B 139 12.59 -23.04 8.13
N GLY B 140 11.61 -22.15 7.90
CA GLY B 140 10.52 -21.93 8.84
C GLY B 140 10.87 -20.95 9.95
N VAL B 141 11.98 -20.20 9.76
CA VAL B 141 12.38 -19.18 10.71
C VAL B 141 11.56 -17.91 10.43
N VAL B 142 11.04 -17.29 11.50
CA VAL B 142 10.24 -16.08 11.40
C VAL B 142 11.16 -14.88 11.58
N LYS B 143 10.99 -13.87 10.72
CA LYS B 143 11.76 -12.65 10.80
C LYS B 143 10.84 -11.44 10.71
N VAL B 144 11.17 -10.39 11.46
CA VAL B 144 10.40 -9.16 11.47
C VAL B 144 10.78 -8.33 10.24
N SER B 145 9.77 -7.74 9.60
CA SER B 145 9.99 -6.88 8.44
C SER B 145 9.12 -5.62 8.57
N ASP B 146 9.18 -4.76 7.54
CA ASP B 146 8.34 -3.59 7.41
C ASP B 146 8.58 -2.66 8.60
N PHE B 147 9.87 -2.49 8.93
CA PHE B 147 10.30 -1.51 9.92
C PHE B 147 11.06 -0.42 9.18
N GLY B 148 10.88 0.83 9.60
CA GLY B 148 11.53 1.97 8.96
C GLY B 148 10.81 2.37 7.68
N LEU B 149 10.84 1.50 6.68
CA LEU B 149 10.00 1.61 5.50
C LEU B 149 8.82 0.65 5.62
N SER B 150 7.60 1.18 5.53
CA SER B 150 6.39 0.39 5.70
C SER B 150 5.38 0.73 4.63
N ARG B 151 4.38 -0.15 4.45
CA ARG B 151 3.38 0.00 3.39
C ARG B 151 2.24 0.90 3.86
N PRO B 167 -3.67 0.60 12.39
CA PRO B 167 -3.66 -0.68 13.12
C PRO B 167 -4.11 -0.54 14.57
N VAL B 168 -5.41 -0.28 14.73
CA VAL B 168 -6.04 -0.05 16.03
C VAL B 168 -5.88 -1.30 16.90
N ARG B 169 -6.03 -2.48 16.28
CA ARG B 169 -6.14 -3.74 17.01
C ARG B 169 -4.79 -4.16 17.57
N TRP B 170 -3.71 -3.47 17.18
CA TRP B 170 -2.38 -3.75 17.69
C TRP B 170 -1.87 -2.62 18.58
N SER B 171 -2.75 -1.66 18.90
CA SER B 171 -2.32 -0.40 19.51
C SER B 171 -2.76 -0.34 20.97
N PRO B 172 -1.88 0.13 21.89
CA PRO B 172 -2.25 0.32 23.30
C PRO B 172 -3.07 1.59 23.50
N PRO B 173 -3.76 1.74 24.66
CA PRO B 173 -4.59 2.92 24.92
C PRO B 173 -3.90 4.27 24.67
N GLU B 174 -2.64 4.39 25.11
CA GLU B 174 -1.94 5.67 25.06
C GLU B 174 -1.66 6.07 23.61
N VAL B 175 -1.57 5.09 22.69
CA VAL B 175 -1.40 5.36 21.28
C VAL B 175 -2.75 5.78 20.67
N LEU B 176 -3.81 5.05 21.03
CA LEU B 176 -5.14 5.32 20.49
C LEU B 176 -5.62 6.70 20.93
N MET B 177 -5.26 7.10 22.16
CA MET B 177 -5.76 8.34 22.73
C MET B 177 -4.83 9.51 22.41
N TYR B 178 -3.52 9.32 22.60
CA TYR B 178 -2.57 10.41 22.64
C TYR B 178 -1.47 10.31 21.57
N SER B 179 -1.50 9.24 20.77
CA SER B 179 -0.44 8.97 19.81
C SER B 179 0.93 8.93 20.50
N LYS B 180 1.00 8.32 21.69
CA LYS B 180 2.25 8.16 22.40
C LYS B 180 2.90 6.83 22.03
N PHE B 181 3.81 6.87 21.06
CA PHE B 181 4.58 5.70 20.67
C PHE B 181 5.81 5.59 21.57
N SER B 182 6.12 4.36 22.00
CA SER B 182 7.34 4.06 22.73
C SER B 182 7.68 2.59 22.51
N SER B 183 8.78 2.12 23.13
CA SER B 183 9.11 0.70 23.09
C SER B 183 7.98 -0.12 23.70
N LYS B 184 7.22 0.49 24.61
CA LYS B 184 6.13 -0.17 25.33
C LYS B 184 4.90 -0.33 24.44
N SER B 185 4.74 0.52 23.43
CA SER B 185 3.67 0.34 22.45
C SER B 185 4.01 -0.79 21.49
N ASP B 186 5.31 -1.01 21.23
CA ASP B 186 5.78 -2.19 20.50
C ASP B 186 5.57 -3.45 21.34
N ILE B 187 5.78 -3.34 22.66
CA ILE B 187 5.59 -4.46 23.57
C ILE B 187 4.13 -4.92 23.48
N TRP B 188 3.20 -3.96 23.51
CA TRP B 188 1.78 -4.26 23.40
C TRP B 188 1.49 -5.03 22.11
N ALA B 189 1.94 -4.49 20.98
CA ALA B 189 1.77 -5.11 19.67
C ALA B 189 2.32 -6.54 19.69
N PHE B 190 3.45 -6.74 20.36
CA PHE B 190 4.06 -8.06 20.44
C PHE B 190 3.13 -9.06 21.13
N GLY B 191 2.43 -8.58 22.18
CA GLY B 191 1.46 -9.41 22.87
C GLY B 191 0.34 -9.87 21.93
N VAL B 192 -0.11 -8.96 21.06
CA VAL B 192 -1.17 -9.24 20.11
C VAL B 192 -0.65 -10.21 19.04
N LEU B 193 0.62 -10.04 18.63
CA LEU B 193 1.25 -10.94 17.69
C LEU B 193 1.35 -12.35 18.28
N MET B 194 1.68 -12.45 19.57
CA MET B 194 1.70 -13.76 20.22
C MET B 194 0.31 -14.41 20.14
N TRP B 195 -0.73 -13.59 20.34
CA TRP B 195 -2.09 -14.08 20.27
C TRP B 195 -2.43 -14.52 18.84
N GLU B 196 -2.00 -13.74 17.85
CA GLU B 196 -2.17 -14.13 16.44
C GLU B 196 -1.53 -15.49 16.19
N ILE B 197 -0.33 -15.71 16.71
CA ILE B 197 0.40 -16.95 16.49
C ILE B 197 -0.36 -18.10 17.14
N TYR B 198 -0.76 -17.94 18.40
CA TYR B 198 -1.36 -19.02 19.16
C TYR B 198 -2.82 -19.28 18.77
N SER B 199 -3.44 -18.32 18.07
CA SER B 199 -4.78 -18.49 17.56
C SER B 199 -4.76 -19.01 16.13
N LEU B 200 -3.55 -19.26 15.59
CA LEU B 200 -3.34 -19.70 14.22
C LEU B 200 -3.90 -18.69 13.23
N GLY B 201 -3.73 -17.40 13.53
CA GLY B 201 -3.94 -16.34 12.57
C GLY B 201 -5.36 -15.79 12.54
N LYS B 202 -6.07 -15.87 13.68
CA LYS B 202 -7.33 -15.16 13.84
C LYS B 202 -7.05 -13.66 13.86
N MET B 203 -8.05 -12.87 13.45
CA MET B 203 -7.95 -11.43 13.56
C MET B 203 -8.35 -11.04 14.98
N PRO B 204 -7.56 -10.18 15.67
CA PRO B 204 -7.92 -9.73 17.02
C PRO B 204 -9.23 -8.95 17.04
N TYR B 205 -10.07 -9.20 18.06
CA TYR B 205 -11.28 -8.43 18.31
C TYR B 205 -12.19 -8.49 17.07
N GLU B 206 -12.36 -9.69 16.51
CA GLU B 206 -12.95 -9.84 15.18
C GLU B 206 -14.43 -9.47 15.18
N ARG B 207 -15.09 -9.48 16.34
CA ARG B 207 -16.48 -9.09 16.45
C ARG B 207 -16.64 -7.57 16.62
N PHE B 208 -15.53 -6.82 16.62
CA PHE B 208 -15.57 -5.37 16.73
C PHE B 208 -15.07 -4.75 15.43
N THR B 209 -15.60 -3.55 15.11
CA THR B 209 -15.02 -2.71 14.08
C THR B 209 -13.82 -1.99 14.68
N ASN B 210 -13.03 -1.33 13.81
CA ASN B 210 -11.86 -0.58 14.23
C ASN B 210 -12.26 0.45 15.29
N SER B 211 -13.38 1.14 15.06
CA SER B 211 -13.82 2.21 15.95
C SER B 211 -14.31 1.64 17.28
N GLU B 212 -15.05 0.51 17.22
CA GLU B 212 -15.54 -0.18 18.40
C GLU B 212 -14.38 -0.75 19.22
N THR B 213 -13.32 -1.19 18.52
CA THR B 213 -12.15 -1.74 19.18
C THR B 213 -11.49 -0.66 20.02
N ALA B 214 -11.31 0.53 19.44
CA ALA B 214 -10.69 1.66 20.13
C ALA B 214 -11.46 2.01 21.40
N GLU B 215 -12.80 2.03 21.30
CA GLU B 215 -13.66 2.35 22.43
C GLU B 215 -13.47 1.31 23.54
N HIS B 216 -13.62 0.04 23.15
CA HIS B 216 -13.72 -1.05 24.13
C HIS B 216 -12.36 -1.27 24.80
N ILE B 217 -11.27 -1.06 24.05
CA ILE B 217 -9.92 -1.16 24.59
C ILE B 217 -9.70 -0.11 25.69
N ALA B 218 -10.22 1.11 25.47
CA ALA B 218 -10.11 2.19 26.44
C ALA B 218 -10.85 1.81 27.72
N GLN B 219 -11.91 1.03 27.58
CA GLN B 219 -12.74 0.60 28.70
C GLN B 219 -12.22 -0.72 29.30
N GLY B 220 -11.20 -1.32 28.69
CA GLY B 220 -10.47 -2.41 29.33
C GLY B 220 -10.69 -3.78 28.70
N LEU B 221 -11.08 -3.82 27.42
CA LEU B 221 -11.18 -5.07 26.67
C LEU B 221 -9.79 -5.65 26.41
N ARG B 222 -9.66 -6.97 26.55
CA ARG B 222 -8.44 -7.69 26.28
C ARG B 222 -8.76 -8.96 25.51
N LEU B 223 -7.75 -9.52 24.84
CA LEU B 223 -7.92 -10.72 24.03
C LEU B 223 -8.00 -11.94 24.96
N TYR B 224 -8.90 -12.86 24.60
CA TYR B 224 -9.08 -14.10 25.34
C TYR B 224 -7.85 -14.99 25.14
N ARG B 225 -7.71 -15.97 26.04
CA ARG B 225 -6.65 -16.95 25.96
C ARG B 225 -6.93 -17.93 24.82
N PRO B 226 -6.08 -18.01 23.77
CA PRO B 226 -6.27 -18.99 22.70
C PRO B 226 -6.21 -20.41 23.24
N HIS B 227 -6.94 -21.31 22.59
CA HIS B 227 -7.07 -22.70 22.96
C HIS B 227 -5.70 -23.39 23.08
N LEU B 228 -4.80 -23.09 22.13
CA LEU B 228 -3.50 -23.76 22.07
C LEU B 228 -2.51 -23.17 23.08
N ALA B 229 -2.82 -22.02 23.68
CA ALA B 229 -1.93 -21.38 24.63
C ALA B 229 -2.16 -21.95 26.03
N SER B 230 -1.05 -22.23 26.73
CA SER B 230 -1.09 -22.63 28.13
C SER B 230 -1.29 -21.40 29.01
N GLU B 231 -1.54 -21.65 30.30
CA GLU B 231 -1.68 -20.58 31.29
C GLU B 231 -0.42 -19.71 31.28
N LYS B 232 0.75 -20.35 31.21
CA LYS B 232 2.02 -19.64 31.25
C LYS B 232 2.19 -18.81 29.99
N VAL B 233 1.81 -19.36 28.84
CA VAL B 233 1.91 -18.65 27.57
C VAL B 233 0.99 -17.43 27.61
N TYR B 234 -0.22 -17.59 28.16
CA TYR B 234 -1.17 -16.49 28.21
C TYR B 234 -0.67 -15.37 29.13
N THR B 235 -0.09 -15.76 30.28
CA THR B 235 0.47 -14.82 31.22
C THR B 235 1.48 -13.91 30.52
N ILE B 236 2.28 -14.49 29.61
CA ILE B 236 3.34 -13.74 28.94
C ILE B 236 2.73 -12.72 27.99
N MET B 237 1.84 -13.16 27.09
CA MET B 237 1.26 -12.22 26.14
C MET B 237 0.42 -11.20 26.92
N TYR B 238 -0.22 -11.63 28.01
CA TYR B 238 -1.08 -10.72 28.76
C TYR B 238 -0.26 -9.66 29.47
N SER B 239 0.98 -10.00 29.88
CA SER B 239 1.86 -9.04 30.53
C SER B 239 2.14 -7.84 29.62
N CYS B 240 2.02 -8.05 28.30
CA CYS B 240 2.24 -7.01 27.32
C CYS B 240 1.11 -5.99 27.29
N TRP B 241 -0.04 -6.29 27.90
CA TRP B 241 -1.24 -5.47 27.73
C TRP B 241 -1.60 -4.72 29.01
N HIS B 242 -0.61 -4.44 29.87
CA HIS B 242 -0.84 -3.72 31.10
C HIS B 242 -1.31 -2.31 30.73
N GLU B 243 -2.32 -1.83 31.46
CA GLU B 243 -2.92 -0.52 31.24
C GLU B 243 -1.84 0.56 31.29
N LYS B 244 -0.89 0.41 32.22
CA LYS B 244 0.21 1.35 32.39
C LYS B 244 1.41 0.85 31.59
N ALA B 245 1.93 1.72 30.72
CA ALA B 245 3.01 1.37 29.80
C ALA B 245 4.27 0.97 30.56
N ASP B 246 4.55 1.65 31.67
CA ASP B 246 5.80 1.46 32.39
C ASP B 246 5.81 0.12 33.14
N GLU B 247 4.64 -0.49 33.35
CA GLU B 247 4.54 -1.78 34.03
C GLU B 247 4.50 -2.94 33.04
N ARG B 248 4.58 -2.64 31.73
CA ARG B 248 4.77 -3.67 30.73
C ARG B 248 6.24 -4.07 30.75
N PRO B 249 6.59 -5.34 30.45
CA PRO B 249 7.98 -5.77 30.47
C PRO B 249 8.77 -5.24 29.28
N THR B 250 10.07 -5.56 29.27
CA THR B 250 10.93 -5.30 28.12
C THR B 250 10.99 -6.54 27.25
N PHE B 251 11.54 -6.40 26.05
CA PHE B 251 11.72 -7.52 25.15
C PHE B 251 12.74 -8.50 25.72
N LYS B 252 13.70 -8.00 26.52
CA LYS B 252 14.67 -8.86 27.18
C LYS B 252 13.97 -9.76 28.19
N ILE B 253 13.09 -9.17 29.01
CA ILE B 253 12.32 -9.89 30.00
C ILE B 253 11.44 -10.94 29.31
N LEU B 254 10.77 -10.53 28.22
CA LEU B 254 9.87 -11.42 27.49
C LEU B 254 10.63 -12.62 26.95
N LEU B 255 11.82 -12.37 26.39
CA LEU B 255 12.66 -13.43 25.86
C LEU B 255 13.04 -14.42 26.96
N SER B 256 13.36 -13.89 28.16
CA SER B 256 13.65 -14.72 29.31
C SER B 256 12.45 -15.62 29.63
N ASN B 257 11.26 -15.00 29.68
CA ASN B 257 10.04 -15.70 30.02
C ASN B 257 9.76 -16.79 29.00
N ILE B 258 9.97 -16.48 27.71
CA ILE B 258 9.70 -17.42 26.64
C ILE B 258 10.64 -18.63 26.75
N LEU B 259 11.93 -18.36 27.01
CA LEU B 259 12.94 -19.41 27.07
C LEU B 259 12.69 -20.32 28.27
N ASP B 260 12.20 -19.75 29.38
CA ASP B 260 11.86 -20.52 30.56
C ASP B 260 10.74 -21.51 30.24
N VAL B 261 9.71 -21.04 29.52
CA VAL B 261 8.55 -21.86 29.19
C VAL B 261 8.96 -22.96 28.22
N MET B 262 9.97 -22.70 27.39
CA MET B 262 10.52 -23.71 26.49
C MET B 262 11.17 -24.83 27.30
N ASP B 263 11.90 -24.44 28.37
CA ASP B 263 12.56 -25.39 29.26
C ASP B 263 11.53 -26.33 29.89
N GLU B 264 10.39 -25.75 30.31
CA GLU B 264 9.34 -26.49 30.99
C GLU B 264 8.51 -27.28 29.99
N GLU B 265 7.96 -26.60 28.97
CA GLU B 265 7.14 -27.26 27.95
C GLU B 265 8.00 -28.31 27.22
C1 PEG C . 3.77 25.20 -28.64
O1 PEG C . 4.01 24.60 -27.39
C2 PEG C . 3.12 24.27 -29.62
O2 PEG C . 3.90 23.08 -29.72
C3 PEG C . 3.35 21.97 -29.02
C4 PEG C . 4.03 20.71 -29.45
O4 PEG C . 5.33 20.93 -29.94
C1 EDO D . -12.54 7.52 2.66
O1 EDO D . -11.19 7.65 2.27
C2 EDO D . -12.68 7.05 4.07
O2 EDO D . -12.21 5.74 4.27
C1 EDO E . -12.72 -7.34 6.45
O1 EDO E . -11.52 -8.05 6.58
C2 EDO E . -12.71 -6.38 5.32
O2 EDO E . -11.55 -5.57 5.27
C1 EDO F . -14.42 -6.96 11.29
O1 EDO F . -13.52 -6.32 10.41
C2 EDO F . -15.56 -6.10 11.69
O2 EDO F . -16.81 -6.57 11.19
C1 EDO G . 12.39 -3.87 5.88
O1 EDO G . 12.73 -5.24 5.85
C2 EDO G . 11.74 -3.40 4.63
O2 EDO G . 10.84 -2.33 4.84
CL CL H . -7.91 -19.81 19.68
CL CL I . 14.10 -19.02 -5.92
#